data_8KB1
#
_entry.id   8KB1
#
_cell.length_a   87.593
_cell.length_b   87.593
_cell.length_c   119.023
_cell.angle_alpha   90.00
_cell.angle_beta   90.00
_cell.angle_gamma   90.00
#
_symmetry.space_group_name_H-M   'P 41 21 2'
#
loop_
_entity.id
_entity.type
_entity.pdbx_description
1 polymer 'MHC class I antigen'
2 polymer Beta2-microglobulin
3 polymer 'peptide of AIV'
4 water water
#
loop_
_entity_poly.entity_id
_entity_poly.type
_entity_poly.pdbx_seq_one_letter_code
_entity_poly.pdbx_strand_id
1 'polypeptide(L)'
;EPHSVRYFHTAVSEPSPGVPQFVSVGYLDGEAFVYYDSETRRKEPRADWTSAIDDQQYWERITRISQNNEQIYRVNLETL
RERYNQSRGSHTWQRMYGCDLLEDGSIRGFDQYGYEGRDFIALDKDTRTFTAADAGAQITKRKWEEEGTFAETMKFYLEN
TCIEWLRKYVSYGKDVLERRERPEVRVSGMEADKILTLSCRAHGFYPRPISISWLKDGVVQEQETQRGSTVPNSDGTYHI
WATIDVLPGDRDKYQCRVEHASLPQPGLFSW
;
A
2 'polypeptide(L)'
;EFGQAKAAPKVQVYSRHPATAGTENILNCYVEGFHPPKIDIALLKNGEPMKDVKYNDMSFGDDWTFQRLVYAPFTPTKSD
VYTCRVDHEAFTEPQSFRWEPDF
;
B
3 'polypeptide(L)' AEAIIVAMV C
#
# COMPACT_ATOMS: atom_id res chain seq x y z
N GLU A 1 -11.91 -11.08 13.75
CA GLU A 1 -11.06 -12.18 14.23
C GLU A 1 -10.00 -12.80 13.29
N PRO A 2 -10.01 -12.58 11.96
CA PRO A 2 -8.85 -12.99 11.15
C PRO A 2 -7.78 -11.91 11.17
N HIS A 3 -6.53 -12.34 10.96
CA HIS A 3 -5.40 -11.42 11.04
C HIS A 3 -4.32 -11.85 10.06
N SER A 4 -3.41 -10.93 9.78
CA SER A 4 -2.37 -11.06 8.78
C SER A 4 -1.06 -10.48 9.32
N VAL A 5 0.05 -11.17 9.09
CA VAL A 5 1.38 -10.56 9.21
C VAL A 5 2.11 -10.79 7.88
N ARG A 6 2.60 -9.71 7.24
CA ARG A 6 3.35 -9.81 5.99
C ARG A 6 4.55 -8.87 6.00
N TYR A 7 5.66 -9.33 5.41
CA TYR A 7 6.83 -8.49 5.21
C TYR A 7 7.08 -8.29 3.72
N PHE A 8 7.37 -7.04 3.34
CA PHE A 8 7.62 -6.69 1.95
C PHE A 8 9.05 -6.20 1.82
N HIS A 9 9.83 -6.87 0.98
CA HIS A 9 11.22 -6.53 0.72
C HIS A 9 11.35 -5.93 -0.67
N THR A 10 12.00 -4.80 -0.77
CA THR A 10 12.38 -4.27 -2.07
C THR A 10 13.88 -4.10 -2.06
N ALA A 11 14.54 -4.64 -3.07
CA ALA A 11 15.99 -4.53 -3.18
C ALA A 11 16.33 -4.14 -4.60
N VAL A 12 17.19 -3.12 -4.76
CA VAL A 12 17.56 -2.64 -6.10
C VAL A 12 19.07 -2.48 -6.22
N SER A 13 19.55 -2.67 -7.45
CA SER A 13 20.98 -2.52 -7.72
C SER A 13 21.41 -1.07 -7.60
N GLU A 14 20.67 -0.17 -8.21
CA GLU A 14 21.02 1.25 -8.22
C GLU A 14 20.07 2.02 -7.32
N PRO A 15 20.52 2.53 -6.18
CA PRO A 15 19.65 3.38 -5.37
C PRO A 15 19.26 4.61 -6.14
N SER A 16 18.30 5.33 -5.57
CA SER A 16 17.84 6.63 -6.05
C SER A 16 17.14 7.31 -4.89
N PRO A 17 16.88 8.61 -4.97
CA PRO A 17 16.30 9.29 -3.78
C PRO A 17 14.99 8.64 -3.31
N GLY A 18 14.92 8.29 -2.01
CA GLY A 18 13.78 7.59 -1.44
C GLY A 18 13.71 6.12 -1.77
N VAL A 19 14.69 5.61 -2.53
CA VAL A 19 14.85 4.18 -2.81
C VAL A 19 16.22 3.73 -2.35
N PRO A 20 16.36 3.28 -1.08
CA PRO A 20 17.60 2.59 -0.65
C PRO A 20 17.85 1.28 -1.38
N GLN A 21 19.01 0.69 -1.11
CA GLN A 21 19.37 -0.56 -1.76
C GLN A 21 18.48 -1.71 -1.32
N PHE A 22 18.02 -1.66 -0.07
CA PHE A 22 17.15 -2.70 0.47
C PHE A 22 16.25 -2.02 1.47
N VAL A 23 14.95 -2.37 1.42
CA VAL A 23 13.97 -1.89 2.39
C VAL A 23 13.06 -3.05 2.73
N SER A 24 12.59 -3.05 3.98
CA SER A 24 11.69 -4.09 4.48
C SER A 24 10.65 -3.40 5.34
N VAL A 25 9.37 -3.71 5.09
CA VAL A 25 8.26 -3.15 5.86
C VAL A 25 7.38 -4.29 6.32
N GLY A 26 7.09 -4.36 7.61
CA GLY A 26 6.16 -5.35 8.13
C GLY A 26 4.80 -4.72 8.32
N TYR A 27 3.74 -5.50 8.04
CA TYR A 27 2.38 -5.01 8.17
C TYR A 27 1.57 -5.97 9.03
N LEU A 28 0.79 -5.41 9.95
CA LEU A 28 -0.21 -6.14 10.73
C LEU A 28 -1.59 -5.75 10.22
N ASP A 29 -2.34 -6.72 9.70
CA ASP A 29 -3.66 -6.47 9.14
C ASP A 29 -3.65 -5.29 8.17
N GLY A 30 -2.53 -5.14 7.45
CA GLY A 30 -2.39 -4.11 6.44
C GLY A 30 -1.83 -2.77 6.90
N GLU A 31 -1.50 -2.61 8.19
CA GLU A 31 -0.97 -1.35 8.69
C GLU A 31 0.48 -1.52 9.12
N ALA A 32 1.35 -0.61 8.67
CA ALA A 32 2.78 -0.76 8.94
C ALA A 32 3.05 -0.76 10.45
N PHE A 33 4.04 -1.54 10.85
CA PHE A 33 4.47 -1.51 12.24
C PHE A 33 5.96 -1.72 12.43
N VAL A 34 6.73 -1.97 11.37
CA VAL A 34 8.17 -2.15 11.52
C VAL A 34 8.82 -1.88 10.17
N TYR A 35 9.92 -1.12 10.21
CA TYR A 35 10.59 -0.60 9.03
C TYR A 35 12.09 -0.83 9.19
N TYR A 36 12.74 -1.10 8.05
CA TYR A 36 14.19 -1.23 8.04
C TYR A 36 14.69 -0.93 6.63
N ASP A 37 15.79 -0.20 6.53
CA ASP A 37 16.45 -0.01 5.24
C ASP A 37 17.96 -0.01 5.43
N SER A 38 18.67 -0.06 4.31
CA SER A 38 20.12 -0.23 4.28
C SER A 38 20.86 1.09 4.46
N GLU A 39 20.15 2.20 4.60
CA GLU A 39 20.80 3.45 4.95
C GLU A 39 20.81 3.67 6.46
N THR A 40 19.65 3.57 7.12
CA THR A 40 19.65 3.68 8.58
C THR A 40 20.23 2.43 9.22
N ARG A 41 20.06 1.29 8.54
CA ARG A 41 20.49 -0.06 9.00
C ARG A 41 19.90 -0.36 10.38
N ARG A 42 18.69 0.10 10.62
CA ARG A 42 18.11 -0.07 11.96
C ARG A 42 16.63 -0.38 11.85
N LYS A 43 16.16 -1.37 12.60
CA LYS A 43 14.72 -1.71 12.61
C LYS A 43 14.00 -0.68 13.46
N GLU A 44 13.07 0.07 12.89
CA GLU A 44 12.38 1.12 13.66
C GLU A 44 10.86 0.90 13.66
N PRO A 45 10.17 1.35 14.70
CA PRO A 45 8.72 1.20 14.77
C PRO A 45 7.89 2.11 13.86
N ARG A 46 6.74 1.62 13.45
CA ARG A 46 5.82 2.34 12.56
C ARG A 46 4.42 2.38 13.18
N ALA A 47 4.22 1.71 14.30
CA ALA A 47 2.92 1.76 14.99
C ALA A 47 3.17 1.95 16.49
N ASP A 48 2.23 2.49 17.24
CA ASP A 48 2.51 2.78 18.67
C ASP A 48 2.52 1.52 19.54
N TRP A 49 1.65 0.55 19.26
CA TRP A 49 1.58 -0.72 20.03
C TRP A 49 2.93 -1.44 20.03
N THR A 50 3.76 -1.26 19.01
CA THR A 50 5.05 -2.00 18.94
C THR A 50 5.94 -1.54 20.09
N SER A 51 5.64 -0.35 20.62
CA SER A 51 6.43 0.25 21.71
C SER A 51 6.28 -0.47 23.06
N ALA A 52 5.26 -1.31 23.22
CA ALA A 52 5.06 -2.14 24.42
C ALA A 52 4.99 -3.59 23.94
N ILE A 53 6.15 -4.12 23.53
CA ILE A 53 6.35 -5.45 22.90
C ILE A 53 6.71 -6.45 24.01
N ASP A 54 7.40 -5.96 25.05
CA ASP A 54 7.87 -6.71 26.25
C ASP A 54 9.16 -7.51 25.99
N ASP A 55 9.58 -7.70 24.73
CA ASP A 55 10.89 -8.35 24.45
C ASP A 55 11.96 -7.26 24.65
N GLN A 56 13.05 -7.51 25.35
CA GLN A 56 13.93 -6.37 25.71
C GLN A 56 14.95 -5.96 24.64
N GLN A 57 15.87 -6.87 24.30
CA GLN A 57 16.92 -6.57 23.28
C GLN A 57 16.54 -7.23 21.95
N TYR A 58 15.23 -7.29 21.73
CA TYR A 58 14.52 -7.75 20.52
C TYR A 58 14.90 -6.80 19.37
N TRP A 59 14.87 -5.50 19.62
CA TRP A 59 15.14 -4.52 18.53
C TRP A 59 16.59 -4.60 18.07
N GLU A 60 17.49 -4.80 19.01
CA GLU A 60 18.93 -4.91 18.71
C GLU A 60 19.18 -6.18 17.91
N ARG A 61 18.52 -7.25 18.31
CA ARG A 61 18.72 -8.52 17.60
C ARG A 61 18.13 -8.46 16.19
N ILE A 62 16.83 -8.14 16.06
CA ILE A 62 16.22 -8.14 14.73
C ILE A 62 16.92 -7.15 13.82
N THR A 63 17.46 -6.06 14.37
CA THR A 63 18.27 -5.17 13.55
C THR A 63 19.46 -5.92 12.98
N ARG A 64 20.15 -6.67 13.82
CA ARG A 64 21.34 -7.37 13.38
C ARG A 64 21.00 -8.43 12.32
N ILE A 65 19.91 -9.18 12.54
CA ILE A 65 19.47 -10.16 11.54
C ILE A 65 19.33 -9.51 10.16
N SER A 66 18.66 -8.35 10.12
CA SER A 66 18.43 -7.65 8.87
C SER A 66 19.74 -7.16 8.26
N GLN A 67 20.59 -6.51 9.07
CA GLN A 67 21.90 -6.08 8.58
C GLN A 67 22.65 -7.23 7.94
N ASN A 68 22.60 -8.42 8.55
CA ASN A 68 23.32 -9.57 8.02
C ASN A 68 22.71 -10.09 6.73
N ASN A 69 21.39 -9.98 6.59
CA ASN A 69 20.76 -10.59 5.42
C ASN A 69 20.81 -9.69 4.19
N GLU A 70 21.12 -8.39 4.34
CA GLU A 70 21.18 -7.62 3.10
C GLU A 70 22.39 -7.99 2.25
N GLN A 71 23.38 -8.67 2.84
CA GLN A 71 24.44 -9.28 2.05
C GLN A 71 23.86 -10.26 1.03
N ILE A 72 22.91 -11.09 1.48
CA ILE A 72 22.34 -12.14 0.63
C ILE A 72 21.43 -11.54 -0.43
N TYR A 73 20.88 -10.37 -0.18
CA TYR A 73 20.07 -9.75 -1.22
C TYR A 73 20.95 -9.22 -2.34
N ARG A 74 22.14 -8.70 -1.99
CA ARG A 74 23.06 -8.22 -3.01
C ARG A 74 23.55 -9.37 -3.89
N VAL A 75 23.82 -10.52 -3.28
CA VAL A 75 24.26 -11.69 -4.03
C VAL A 75 23.17 -12.14 -4.98
N ASN A 76 21.93 -12.25 -4.47
CA ASN A 76 20.85 -12.74 -5.32
C ASN A 76 20.58 -11.78 -6.47
N LEU A 77 20.92 -10.50 -6.28
CA LEU A 77 20.74 -9.51 -7.34
C LEU A 77 21.75 -9.73 -8.47
N GLU A 78 22.98 -10.16 -8.12
CA GLU A 78 23.97 -10.42 -9.15
C GLU A 78 23.71 -11.75 -9.84
N THR A 79 23.49 -12.81 -9.06
CA THR A 79 23.02 -14.08 -9.60
C THR A 79 21.94 -13.83 -10.65
N LEU A 80 20.90 -13.08 -10.28
CA LEU A 80 19.80 -12.86 -11.21
C LEU A 80 20.22 -12.03 -12.42
N ARG A 81 21.14 -11.08 -12.25
CA ARG A 81 21.67 -10.37 -13.41
C ARG A 81 22.30 -11.33 -14.40
N GLU A 82 23.17 -12.22 -13.91
CA GLU A 82 23.91 -13.09 -14.81
C GLU A 82 23.06 -14.22 -15.35
N ARG A 83 22.14 -14.75 -14.53
CA ARG A 83 21.25 -15.79 -15.02
C ARG A 83 20.38 -15.31 -16.19
N TYR A 84 20.00 -14.04 -16.19
CA TYR A 84 19.14 -13.49 -17.24
C TYR A 84 19.94 -12.66 -18.26
N ASN A 85 21.27 -12.73 -18.21
CA ASN A 85 22.17 -12.06 -19.14
C ASN A 85 21.81 -10.60 -19.37
N GLN A 86 21.74 -9.86 -18.29
CA GLN A 86 21.50 -8.44 -18.39
C GLN A 86 22.82 -7.69 -18.23
N SER A 87 22.81 -6.42 -18.60
CA SER A 87 23.95 -5.59 -18.32
C SER A 87 23.93 -5.15 -16.87
N ARG A 88 24.90 -4.33 -16.51
CA ARG A 88 24.85 -3.67 -15.23
C ARG A 88 23.99 -2.42 -15.37
N GLY A 89 23.14 -2.18 -14.37
CA GLY A 89 22.27 -1.03 -14.40
C GLY A 89 21.23 -1.08 -13.30
N SER A 90 20.00 -0.74 -13.62
CA SER A 90 18.90 -0.78 -12.65
C SER A 90 18.17 -2.11 -12.78
N HIS A 91 18.13 -2.85 -11.68
CA HIS A 91 17.35 -4.07 -11.59
C HIS A 91 16.68 -4.07 -10.22
N THR A 92 15.69 -4.94 -10.05
CA THR A 92 14.78 -4.81 -8.93
C THR A 92 14.38 -6.19 -8.45
N TRP A 93 14.50 -6.41 -7.14
CA TRP A 93 14.24 -7.70 -6.53
C TRP A 93 13.25 -7.48 -5.40
N GLN A 94 12.18 -8.26 -5.39
CA GLN A 94 11.05 -8.02 -4.50
C GLN A 94 10.56 -9.31 -3.88
N ARG A 95 10.09 -9.20 -2.64
CA ARG A 95 9.69 -10.37 -1.87
C ARG A 95 8.54 -10.00 -0.93
N MET A 96 7.54 -10.88 -0.87
CA MET A 96 6.43 -10.76 0.07
C MET A 96 6.24 -12.09 0.76
N TYR A 97 6.25 -12.09 2.10
CA TYR A 97 6.04 -13.36 2.79
C TYR A 97 5.33 -13.11 4.11
N GLY A 98 4.66 -14.14 4.60
CA GLY A 98 3.99 -14.04 5.88
C GLY A 98 2.86 -15.04 6.02
N CYS A 99 2.10 -14.85 7.09
CA CYS A 99 1.08 -15.81 7.47
C CYS A 99 -0.23 -15.10 7.79
N ASP A 100 -1.30 -15.87 7.72
CA ASP A 100 -2.68 -15.45 7.92
C ASP A 100 -3.35 -16.38 8.93
N LEU A 101 -4.23 -15.81 9.72
CA LEU A 101 -5.12 -16.57 10.59
C LEU A 101 -6.52 -16.37 10.02
N LEU A 102 -7.14 -17.44 9.58
CA LEU A 102 -8.50 -17.36 9.04
C LEU A 102 -9.51 -17.47 10.18
N GLU A 103 -10.77 -17.15 9.89
CA GLU A 103 -11.73 -17.06 10.99
C GLU A 103 -11.97 -18.41 11.65
N ASP A 104 -11.76 -19.53 10.94
CA ASP A 104 -11.86 -20.84 11.61
C ASP A 104 -10.58 -21.22 12.35
N GLY A 105 -9.62 -20.32 12.48
CA GLY A 105 -8.40 -20.66 13.17
C GLY A 105 -7.38 -21.38 12.34
N SER A 106 -7.69 -21.71 11.09
CA SER A 106 -6.69 -22.36 10.25
C SER A 106 -5.64 -21.33 9.79
N ILE A 107 -4.53 -21.82 9.25
CA ILE A 107 -3.41 -20.97 8.87
C ILE A 107 -3.20 -21.02 7.36
N ARG A 108 -2.76 -19.90 6.81
CA ARG A 108 -2.21 -19.86 5.47
C ARG A 108 -0.82 -19.23 5.55
N GLY A 109 0.02 -19.57 4.55
CA GLY A 109 1.34 -19.01 4.46
C GLY A 109 1.65 -18.68 3.01
N PHE A 110 2.60 -17.77 2.83
CA PHE A 110 2.98 -17.30 1.51
C PHE A 110 4.44 -16.90 1.54
N ASP A 111 5.14 -17.16 0.45
CA ASP A 111 6.47 -16.59 0.24
C ASP A 111 6.67 -16.42 -1.26
N GLN A 112 6.65 -15.18 -1.74
CA GLN A 112 6.64 -14.86 -3.15
C GLN A 112 7.80 -13.95 -3.51
N TYR A 113 8.40 -14.19 -4.67
CA TYR A 113 9.59 -13.47 -5.10
C TYR A 113 9.35 -12.91 -6.49
N GLY A 114 9.85 -11.71 -6.72
CA GLY A 114 9.65 -11.02 -7.98
C GLY A 114 10.88 -10.32 -8.48
N TYR A 115 11.27 -10.63 -9.72
CA TYR A 115 12.40 -9.98 -10.36
C TYR A 115 11.89 -9.12 -11.51
N GLU A 116 12.46 -7.92 -11.63
CA GLU A 116 12.12 -6.96 -12.69
C GLU A 116 10.63 -6.72 -12.78
N GLY A 117 9.94 -6.76 -11.65
CA GLY A 117 8.51 -6.56 -11.65
C GLY A 117 7.69 -7.70 -12.19
N ARG A 118 8.29 -8.88 -12.35
CA ARG A 118 7.60 -10.04 -12.87
C ARG A 118 7.72 -11.18 -11.87
N ASP A 119 6.70 -12.05 -11.82
CA ASP A 119 6.77 -13.25 -10.97
C ASP A 119 8.06 -13.99 -11.21
N PHE A 120 8.64 -14.53 -10.14
CA PHE A 120 9.86 -15.35 -10.24
C PHE A 120 9.63 -16.73 -9.63
N ILE A 121 9.50 -16.84 -8.31
CA ILE A 121 9.33 -18.14 -7.68
C ILE A 121 8.45 -17.97 -6.45
N ALA A 122 7.57 -18.93 -6.24
CA ALA A 122 6.61 -18.86 -5.14
C ALA A 122 6.63 -20.18 -4.38
N LEU A 123 6.61 -20.10 -3.06
CA LEU A 123 6.56 -21.29 -2.24
C LEU A 123 5.14 -21.85 -2.24
N ASP A 124 5.02 -23.15 -2.47
CA ASP A 124 3.82 -23.90 -2.17
C ASP A 124 4.21 -24.73 -0.94
N LYS A 125 3.92 -24.19 0.24
CA LYS A 125 4.38 -24.86 1.45
C LYS A 125 3.63 -26.14 1.75
N ASP A 126 2.49 -26.37 1.09
CA ASP A 126 1.74 -27.60 1.28
C ASP A 126 2.55 -28.81 0.83
N THR A 127 3.27 -28.68 -0.28
CA THR A 127 4.05 -29.77 -0.84
C THR A 127 5.55 -29.64 -0.61
N ARG A 128 5.99 -28.55 0.05
CA ARG A 128 7.41 -28.26 0.26
C ARG A 128 8.17 -28.21 -1.07
N THR A 129 7.52 -27.63 -2.09
CA THR A 129 8.09 -27.43 -3.42
C THR A 129 7.79 -26.01 -3.87
N PHE A 130 8.67 -25.48 -4.71
CA PHE A 130 8.54 -24.12 -5.24
C PHE A 130 7.96 -24.14 -6.65
N THR A 131 6.99 -23.25 -6.90
CA THR A 131 6.47 -23.01 -8.24
C THR A 131 7.35 -21.97 -8.92
N ALA A 132 7.97 -22.36 -10.04
CA ALA A 132 8.82 -21.45 -10.80
C ALA A 132 8.05 -20.87 -11.96
N ALA A 133 8.36 -19.64 -12.32
CA ALA A 133 7.64 -18.96 -13.38
C ALA A 133 8.43 -18.92 -14.68
N ASP A 134 9.56 -19.62 -14.76
CA ASP A 134 10.57 -19.18 -15.69
C ASP A 134 11.54 -20.30 -16.01
N ALA A 135 12.25 -20.14 -17.13
CA ALA A 135 13.47 -20.90 -17.32
C ALA A 135 14.50 -20.50 -16.28
N GLY A 136 14.73 -19.20 -16.11
CA GLY A 136 15.64 -18.74 -15.07
C GLY A 136 15.19 -19.14 -13.68
N ALA A 137 13.88 -19.13 -13.43
CA ALA A 137 13.39 -19.54 -12.12
C ALA A 137 13.53 -21.04 -11.90
N GLN A 138 13.42 -21.84 -12.97
CA GLN A 138 13.45 -23.29 -12.83
C GLN A 138 14.73 -23.75 -12.17
N ILE A 139 15.82 -23.00 -12.36
CA ILE A 139 17.09 -23.37 -11.77
C ILE A 139 17.00 -23.26 -10.25
N THR A 140 16.62 -22.07 -9.77
CA THR A 140 16.49 -21.85 -8.34
C THR A 140 15.47 -22.81 -7.73
N LYS A 141 14.45 -23.21 -8.49
CA LYS A 141 13.59 -24.29 -8.03
C LYS A 141 14.39 -25.55 -7.77
N ARG A 142 15.24 -25.93 -8.74
CA ARG A 142 15.93 -27.20 -8.67
C ARG A 142 17.06 -27.16 -7.64
N LYS A 143 17.72 -26.02 -7.50
CA LYS A 143 18.74 -25.88 -6.47
C LYS A 143 18.14 -25.87 -5.07
N TRP A 144 16.96 -25.26 -4.90
CA TRP A 144 16.33 -25.24 -3.59
C TRP A 144 15.76 -26.59 -3.22
N GLU A 145 15.20 -27.30 -4.20
CA GLU A 145 14.62 -28.62 -3.95
C GLU A 145 15.67 -29.73 -3.91
N GLU A 146 16.89 -29.45 -4.38
CA GLU A 146 18.01 -30.37 -4.19
C GLU A 146 18.48 -30.34 -2.74
N GLU A 147 19.06 -29.22 -2.32
CA GLU A 147 19.59 -29.04 -0.96
C GLU A 147 18.62 -29.60 0.08
N GLY A 148 17.31 -29.44 -0.14
CA GLY A 148 16.29 -30.03 0.69
C GLY A 148 15.80 -29.20 1.85
N THR A 149 16.55 -28.19 2.30
CA THR A 149 16.25 -27.59 3.60
C THR A 149 15.32 -26.37 3.55
N PHE A 150 15.38 -25.53 2.51
CA PHE A 150 14.73 -24.23 2.61
C PHE A 150 13.21 -24.35 2.66
N ALA A 151 12.63 -25.14 1.76
CA ALA A 151 11.17 -25.23 1.66
C ALA A 151 10.55 -25.57 3.02
N GLU A 152 11.12 -26.53 3.74
CA GLU A 152 10.55 -26.94 5.02
C GLU A 152 10.92 -25.99 6.13
N THR A 153 12.07 -25.35 6.01
CA THR A 153 12.44 -24.33 6.96
C THR A 153 11.47 -23.15 6.89
N MET A 154 11.15 -22.72 5.67
CA MET A 154 10.21 -21.64 5.47
C MET A 154 8.78 -22.07 5.78
N LYS A 155 8.44 -23.32 5.45
CA LYS A 155 7.19 -23.89 5.91
C LYS A 155 7.12 -23.91 7.44
N PHE A 156 8.25 -24.12 8.11
CA PHE A 156 8.18 -24.18 9.57
C PHE A 156 7.86 -22.82 10.15
N TYR A 157 8.68 -21.81 9.82
CA TYR A 157 8.44 -20.42 10.20
C TYR A 157 7.01 -20.02 9.93
N LEU A 158 6.57 -20.18 8.68
CA LEU A 158 5.22 -19.78 8.31
C LEU A 158 4.17 -20.42 9.19
N GLU A 159 4.32 -21.70 9.50
CA GLU A 159 3.28 -22.38 10.26
C GLU A 159 3.46 -22.27 11.77
N ASN A 160 4.63 -21.84 12.24
CA ASN A 160 4.85 -21.82 13.68
C ASN A 160 5.25 -20.43 14.15
N THR A 161 6.51 -20.08 13.91
CA THR A 161 7.06 -18.82 14.37
C THR A 161 6.18 -17.64 13.97
N CYS A 162 6.00 -17.47 12.65
CA CYS A 162 5.17 -16.39 12.14
C CYS A 162 3.84 -16.30 12.87
N ILE A 163 3.13 -17.43 12.96
CA ILE A 163 1.83 -17.45 13.61
C ILE A 163 1.95 -17.11 15.09
N GLU A 164 3.02 -17.57 15.73
CA GLU A 164 3.17 -17.28 17.16
C GLU A 164 3.29 -15.78 17.39
N TRP A 165 4.03 -15.10 16.53
CA TRP A 165 4.17 -13.65 16.65
C TRP A 165 2.89 -12.92 16.28
N LEU A 166 2.20 -13.40 15.24
CA LEU A 166 0.89 -12.85 14.86
C LEU A 166 -0.02 -12.67 16.06
N ARG A 167 -0.25 -13.76 16.83
CA ARG A 167 -1.18 -13.68 17.95
C ARG A 167 -0.70 -12.70 19.00
N LYS A 168 0.60 -12.71 19.28
CA LYS A 168 1.13 -11.76 20.25
C LYS A 168 0.94 -10.34 19.75
N TYR A 169 1.18 -10.11 18.45
CA TYR A 169 1.01 -8.79 17.85
C TYR A 169 -0.43 -8.32 17.92
N VAL A 170 -1.38 -9.23 17.66
CA VAL A 170 -2.80 -8.89 17.70
C VAL A 170 -3.22 -8.44 19.10
N SER A 171 -2.63 -9.04 20.14
CA SER A 171 -3.07 -8.66 21.48
C SER A 171 -2.39 -7.38 21.99
N TYR A 172 -1.26 -6.98 21.42
CA TYR A 172 -0.69 -5.70 21.78
C TYR A 172 -1.44 -4.56 21.12
N GLY A 173 -1.88 -4.77 19.87
CA GLY A 173 -2.52 -3.73 19.07
C GLY A 173 -4.02 -3.94 19.02
N LYS A 174 -4.52 -4.65 20.04
CA LYS A 174 -5.95 -4.93 20.19
C LYS A 174 -6.79 -3.67 20.02
N ASP A 175 -6.37 -2.57 20.64
CA ASP A 175 -7.21 -1.39 20.74
C ASP A 175 -7.22 -0.61 19.43
N VAL A 176 -6.06 -0.52 18.77
CA VAL A 176 -5.99 0.08 17.43
C VAL A 176 -6.76 -0.78 16.42
N LEU A 177 -6.58 -2.10 16.49
CA LEU A 177 -7.14 -2.98 15.48
C LEU A 177 -8.67 -3.00 15.52
N GLU A 178 -9.25 -2.84 16.71
CA GLU A 178 -10.69 -2.94 16.94
C GLU A 178 -11.40 -1.59 17.03
N ARG A 179 -10.66 -0.49 17.17
CA ARG A 179 -11.27 0.83 17.06
C ARG A 179 -12.10 0.91 15.78
N ARG A 180 -13.06 1.83 15.78
CA ARG A 180 -13.82 2.10 14.57
C ARG A 180 -14.01 3.59 14.47
N GLU A 181 -13.96 4.11 13.24
CA GLU A 181 -14.00 5.54 12.99
C GLU A 181 -14.96 5.80 11.85
N ARG A 182 -16.00 6.61 12.10
CA ARG A 182 -17.04 6.81 11.09
C ARG A 182 -16.52 7.66 9.94
N PRO A 183 -17.13 7.54 8.77
CA PRO A 183 -16.82 8.46 7.68
C PRO A 183 -17.58 9.78 7.81
N GLU A 184 -16.88 10.88 7.50
CA GLU A 184 -17.56 12.11 7.15
C GLU A 184 -17.91 12.09 5.66
N VAL A 185 -19.17 12.29 5.33
CA VAL A 185 -19.61 12.21 3.94
C VAL A 185 -20.15 13.57 3.49
N ARG A 186 -19.74 14.00 2.31
CA ARG A 186 -20.24 15.20 1.68
C ARG A 186 -20.49 14.91 0.20
N VAL A 187 -21.63 15.39 -0.31
CA VAL A 187 -21.94 15.27 -1.72
C VAL A 187 -21.76 16.64 -2.36
N SER A 188 -20.98 16.68 -3.45
CA SER A 188 -20.66 17.91 -4.17
C SER A 188 -21.37 17.95 -5.52
N GLY A 189 -21.74 19.14 -5.96
CA GLY A 189 -22.44 19.25 -7.25
C GLY A 189 -21.71 20.13 -8.24
N MET A 190 -21.64 19.68 -9.48
CA MET A 190 -21.00 20.47 -10.56
C MET A 190 -21.62 20.08 -11.91
N GLU A 191 -22.32 21.01 -12.56
CA GLU A 191 -22.93 20.77 -13.90
C GLU A 191 -22.22 21.67 -14.91
N ALA A 192 -22.06 21.21 -16.15
CA ALA A 192 -21.35 22.03 -17.16
C ALA A 192 -22.26 22.21 -18.38
N ASP A 193 -22.44 21.11 -19.12
CA ASP A 193 -23.21 21.09 -20.39
C ASP A 193 -24.50 20.31 -20.19
N LYS A 194 -25.30 20.75 -19.23
CA LYS A 194 -26.63 20.16 -18.93
C LYS A 194 -26.50 18.73 -18.37
N ILE A 195 -25.38 18.46 -17.71
CA ILE A 195 -25.06 17.18 -17.04
C ILE A 195 -24.65 17.56 -15.62
N LEU A 196 -25.31 16.98 -14.62
CA LEU A 196 -24.90 17.35 -13.27
C LEU A 196 -23.98 16.23 -12.77
N THR A 197 -22.73 16.56 -12.42
CA THR A 197 -21.79 15.57 -11.92
C THR A 197 -21.80 15.60 -10.40
N LEU A 198 -22.48 14.63 -9.81
CA LEU A 198 -22.56 14.49 -8.37
C LEU A 198 -21.38 13.67 -7.87
N SER A 199 -20.65 14.17 -6.88
CA SER A 199 -19.47 13.49 -6.34
C SER A 199 -19.63 13.27 -4.84
N CYS A 200 -19.76 12.01 -4.44
CA CYS A 200 -19.92 11.62 -3.04
C CYS A 200 -18.58 11.18 -2.47
N ARG A 201 -18.12 11.84 -1.40
CA ARG A 201 -16.82 11.53 -0.80
C ARG A 201 -16.97 11.10 0.65
N ALA A 202 -16.38 9.95 0.99
CA ALA A 202 -16.31 9.44 2.36
C ALA A 202 -14.88 9.57 2.87
N HIS A 203 -14.68 10.40 3.90
CA HIS A 203 -13.38 10.69 4.51
C HIS A 203 -13.26 9.97 5.85
N GLY A 204 -12.08 9.44 6.13
CA GLY A 204 -11.68 9.01 7.46
C GLY A 204 -12.39 7.83 8.10
N PHE A 205 -12.75 6.80 7.33
CA PHE A 205 -13.29 5.58 7.90
C PHE A 205 -12.21 4.54 8.24
N TYR A 206 -12.41 3.84 9.36
CA TYR A 206 -11.63 2.64 9.70
C TYR A 206 -12.65 1.70 10.32
N PRO A 207 -12.70 0.42 9.91
CA PRO A 207 -11.78 -0.32 9.04
C PRO A 207 -11.89 0.01 7.56
N ARG A 208 -11.13 -0.66 6.70
CA ARG A 208 -11.00 -0.31 5.29
C ARG A 208 -12.21 -0.68 4.43
N PRO A 209 -12.84 -1.84 4.61
CA PRO A 209 -13.96 -2.17 3.73
C PRO A 209 -15.06 -1.13 3.86
N ILE A 210 -15.61 -0.73 2.71
CA ILE A 210 -16.72 0.21 2.65
C ILE A 210 -17.61 -0.10 1.46
N SER A 211 -18.90 0.21 1.60
CA SER A 211 -19.79 0.26 0.45
C SER A 211 -20.26 1.70 0.25
N ILE A 212 -20.14 2.18 -0.97
CA ILE A 212 -20.65 3.48 -1.38
C ILE A 212 -21.38 3.28 -2.70
N SER A 213 -22.62 3.78 -2.77
CA SER A 213 -23.46 3.62 -3.96
C SER A 213 -24.30 4.86 -4.15
N TRP A 214 -25.05 4.88 -5.25
CA TRP A 214 -25.90 5.99 -5.61
C TRP A 214 -27.34 5.51 -5.83
N LEU A 215 -28.29 6.25 -5.29
CA LEU A 215 -29.70 5.91 -5.38
C LEU A 215 -30.47 6.99 -6.12
N LYS A 216 -31.30 6.57 -7.08
CA LYS A 216 -32.23 7.45 -7.80
C LYS A 216 -33.65 7.12 -7.31
N ASP A 217 -34.19 7.98 -6.44
CA ASP A 217 -35.45 7.68 -5.77
C ASP A 217 -35.42 6.29 -5.15
N GLY A 218 -34.28 5.94 -4.56
CA GLY A 218 -34.15 4.75 -3.73
C GLY A 218 -33.71 3.49 -4.43
N VAL A 219 -33.48 3.53 -5.74
CA VAL A 219 -33.04 2.36 -6.49
C VAL A 219 -31.59 2.58 -6.90
N VAL A 220 -30.76 1.55 -6.67
CA VAL A 220 -29.35 1.63 -6.99
C VAL A 220 -29.17 1.98 -8.47
N GLN A 221 -28.05 2.61 -8.77
CA GLN A 221 -27.71 3.00 -10.14
C GLN A 221 -26.29 2.48 -10.46
N GLU A 222 -26.18 1.15 -10.62
CA GLU A 222 -24.88 0.49 -10.58
C GLU A 222 -24.02 0.74 -11.81
N GLN A 223 -24.63 1.06 -12.96
CA GLN A 223 -23.84 1.25 -14.16
C GLN A 223 -23.47 2.71 -14.38
N GLU A 224 -24.34 3.62 -13.94
CA GLU A 224 -24.09 5.06 -14.02
C GLU A 224 -23.10 5.52 -12.96
N THR A 225 -22.69 4.64 -12.05
CA THR A 225 -21.69 4.95 -11.04
C THR A 225 -20.30 4.54 -11.53
N GLN A 226 -19.33 5.43 -11.32
CA GLN A 226 -17.93 5.04 -11.24
C GLN A 226 -17.41 5.45 -9.88
N ARG A 227 -16.61 4.59 -9.28
CA ARG A 227 -16.05 4.86 -7.96
C ARG A 227 -14.55 4.69 -8.05
N GLY A 228 -13.85 5.38 -7.16
CA GLY A 228 -12.43 5.20 -7.01
C GLY A 228 -12.08 4.05 -6.07
N SER A 229 -10.79 3.69 -6.07
CA SER A 229 -10.33 2.70 -5.11
C SER A 229 -10.25 3.32 -3.72
N THR A 230 -10.51 2.52 -2.71
CA THR A 230 -10.25 2.95 -1.33
C THR A 230 -8.78 3.29 -1.17
N VAL A 231 -8.50 4.54 -0.78
CA VAL A 231 -7.12 5.03 -0.72
C VAL A 231 -6.82 5.46 0.71
N PRO A 232 -5.55 5.46 1.14
CA PRO A 232 -5.25 5.69 2.56
C PRO A 232 -5.05 7.16 2.88
N ASN A 233 -5.45 7.50 4.12
CA ASN A 233 -5.12 8.75 4.76
C ASN A 233 -3.82 8.60 5.54
N SER A 234 -3.32 9.73 6.06
CA SER A 234 -2.06 9.68 6.80
C SER A 234 -2.19 9.08 8.18
N ASP A 235 -3.38 9.08 8.78
CA ASP A 235 -3.58 8.62 10.15
C ASP A 235 -4.08 7.18 10.23
N GLY A 236 -3.87 6.37 9.21
CA GLY A 236 -4.33 4.99 9.24
C GLY A 236 -5.75 4.77 8.75
N THR A 237 -6.54 5.83 8.50
CA THR A 237 -7.91 5.68 8.00
C THR A 237 -7.90 5.65 6.48
N TYR A 238 -9.09 5.68 5.87
CA TYR A 238 -9.20 5.46 4.44
C TYR A 238 -10.17 6.47 3.82
N HIS A 239 -10.27 6.40 2.49
CA HIS A 239 -10.93 7.42 1.68
C HIS A 239 -11.41 6.75 0.41
N ILE A 240 -12.63 7.10 -0.03
CA ILE A 240 -13.19 6.64 -1.29
C ILE A 240 -14.17 7.69 -1.77
N TRP A 241 -14.44 7.68 -3.08
CA TRP A 241 -15.42 8.56 -3.68
C TRP A 241 -16.23 7.77 -4.69
N ALA A 242 -17.28 8.40 -5.20
CA ALA A 242 -18.14 7.80 -6.23
C ALA A 242 -18.89 8.93 -6.90
N THR A 243 -18.69 9.10 -8.21
CA THR A 243 -19.40 10.12 -8.95
C THR A 243 -20.55 9.51 -9.71
N ILE A 244 -21.46 10.38 -10.14
CA ILE A 244 -22.54 10.03 -11.05
C ILE A 244 -22.90 11.26 -11.87
N ASP A 245 -23.16 11.04 -13.15
CA ASP A 245 -23.56 12.09 -14.07
C ASP A 245 -25.07 11.98 -14.32
N VAL A 246 -25.81 13.00 -13.92
CA VAL A 246 -27.27 12.99 -13.95
C VAL A 246 -27.75 14.38 -14.41
N LEU A 247 -29.07 14.50 -14.57
CA LEU A 247 -29.53 15.73 -15.21
C LEU A 247 -30.16 16.68 -14.20
N PRO A 248 -29.87 17.98 -14.34
CA PRO A 248 -30.00 18.91 -13.20
C PRO A 248 -31.41 19.08 -12.63
N GLY A 249 -32.45 18.57 -13.28
CA GLY A 249 -33.79 18.61 -12.71
C GLY A 249 -34.05 17.37 -11.89
N ASP A 250 -33.50 16.25 -12.36
CA ASP A 250 -33.31 15.05 -11.54
C ASP A 250 -32.16 15.33 -10.59
N ARG A 251 -32.42 16.08 -9.51
CA ARG A 251 -31.35 16.42 -8.55
C ARG A 251 -31.83 16.04 -7.16
N ASP A 252 -33.12 16.22 -6.89
CA ASP A 252 -33.63 15.89 -5.55
C ASP A 252 -34.10 14.44 -5.44
N LYS A 253 -33.66 13.55 -6.33
CA LYS A 253 -34.00 12.11 -6.26
C LYS A 253 -32.72 11.35 -6.00
N TYR A 254 -31.64 12.07 -5.67
CA TYR A 254 -30.35 11.41 -5.70
C TYR A 254 -29.70 11.36 -4.33
N GLN A 255 -29.47 10.14 -3.84
CA GLN A 255 -28.86 9.94 -2.54
C GLN A 255 -27.63 9.06 -2.68
N CYS A 256 -26.60 9.42 -1.94
CA CYS A 256 -25.44 8.58 -1.76
C CYS A 256 -25.69 7.70 -0.54
N ARG A 257 -25.24 6.46 -0.61
CA ARG A 257 -25.49 5.49 0.44
C ARG A 257 -24.16 4.92 0.90
N VAL A 258 -23.86 5.03 2.19
CA VAL A 258 -22.55 4.66 2.74
C VAL A 258 -22.75 3.62 3.84
N GLU A 259 -22.46 2.37 3.50
CA GLU A 259 -22.47 1.26 4.45
C GLU A 259 -21.05 1.04 4.99
N HIS A 260 -20.89 1.15 6.31
CA HIS A 260 -19.60 0.97 6.92
C HIS A 260 -19.75 0.32 8.29
N ALA A 261 -18.79 -0.55 8.64
CA ALA A 261 -18.79 -1.24 9.92
C ALA A 261 -18.98 -0.30 11.11
N SER A 262 -18.68 0.99 10.95
CA SER A 262 -18.74 1.95 12.06
C SER A 262 -20.15 2.41 12.36
N LEU A 263 -21.12 2.10 11.50
CA LEU A 263 -22.47 2.61 11.60
C LEU A 263 -23.41 1.42 11.59
N PRO A 264 -24.36 1.35 12.52
CA PRO A 264 -25.27 0.21 12.52
C PRO A 264 -26.13 0.16 11.27
N GLN A 265 -26.64 1.30 10.83
CA GLN A 265 -27.42 1.33 9.61
C GLN A 265 -26.74 2.26 8.61
N PRO A 266 -26.91 2.02 7.32
CA PRO A 266 -26.27 2.86 6.31
C PRO A 266 -26.65 4.33 6.45
N GLY A 267 -25.70 5.21 6.13
CA GLY A 267 -26.01 6.62 6.04
C GLY A 267 -26.48 7.01 4.65
N LEU A 268 -27.25 8.10 4.59
CA LEU A 268 -27.79 8.65 3.34
C LEU A 268 -27.48 10.13 3.25
N PHE A 269 -27.03 10.57 2.08
CA PHE A 269 -26.52 11.93 1.92
C PHE A 269 -26.94 12.45 0.56
N SER A 270 -27.21 13.76 0.52
CA SER A 270 -27.68 14.47 -0.67
C SER A 270 -26.89 15.75 -0.81
N TRP A 271 -27.04 16.39 -1.96
CA TRP A 271 -26.44 17.69 -2.16
C TRP A 271 -27.54 18.70 -2.42
N GLY B 3 11.26 -7.70 -21.07
CA GLY B 3 12.36 -7.20 -20.28
C GLY B 3 11.89 -6.76 -18.90
N GLN B 4 12.41 -5.62 -18.42
CA GLN B 4 11.94 -5.08 -17.14
C GLN B 4 10.51 -4.60 -17.24
N ALA B 5 9.89 -4.40 -16.09
CA ALA B 5 8.62 -3.71 -16.07
C ALA B 5 8.86 -2.23 -16.29
N LYS B 6 7.97 -1.61 -17.03
CA LYS B 6 7.90 -0.16 -17.09
C LYS B 6 6.42 0.16 -17.03
N ALA B 7 5.96 0.70 -15.90
CA ALA B 7 4.54 0.98 -15.70
C ALA B 7 4.41 2.35 -15.06
N ALA B 8 3.64 3.23 -15.72
CA ALA B 8 3.47 4.58 -15.22
C ALA B 8 2.46 4.58 -14.09
N PRO B 9 2.52 5.58 -13.21
CA PRO B 9 1.57 5.62 -12.11
C PRO B 9 0.24 6.24 -12.50
N LYS B 10 -0.81 5.85 -11.78
CA LYS B 10 -2.01 6.67 -11.70
C LYS B 10 -2.04 7.36 -10.34
N VAL B 11 -2.83 8.41 -10.24
CA VAL B 11 -2.68 9.37 -9.15
C VAL B 11 -4.04 9.90 -8.71
N GLN B 12 -4.28 9.89 -7.41
CA GLN B 12 -5.48 10.45 -6.81
C GLN B 12 -5.09 11.50 -5.77
N VAL B 13 -5.65 12.71 -5.91
CA VAL B 13 -5.46 13.80 -4.96
C VAL B 13 -6.75 14.02 -4.18
N TYR B 14 -6.65 14.28 -2.87
CA TYR B 14 -7.84 14.34 -2.02
C TYR B 14 -7.50 14.87 -0.63
N SER B 15 -8.52 15.40 0.03
CA SER B 15 -8.35 16.00 1.35
C SER B 15 -8.75 15.02 2.44
N ARG B 16 -8.07 15.15 3.60
CA ARG B 16 -8.37 14.29 4.74
C ARG B 16 -9.83 14.43 5.16
N HIS B 17 -10.32 15.66 5.15
CA HIS B 17 -11.66 16.01 5.57
C HIS B 17 -12.38 16.67 4.41
N PRO B 18 -13.71 16.74 4.46
CA PRO B 18 -14.40 17.67 3.54
C PRO B 18 -13.87 19.08 3.79
N ALA B 19 -13.49 19.76 2.72
CA ALA B 19 -12.76 21.01 2.83
C ALA B 19 -13.71 22.20 2.93
N THR B 20 -13.31 23.19 3.71
CA THR B 20 -14.00 24.48 3.79
C THR B 20 -12.96 25.58 3.77
N ALA B 21 -13.28 26.67 3.06
CA ALA B 21 -12.33 27.75 2.81
C ALA B 21 -11.71 28.25 4.09
N GLY B 22 -10.39 28.38 4.10
CA GLY B 22 -9.73 28.86 5.28
C GLY B 22 -9.63 27.90 6.45
N THR B 23 -10.13 26.67 6.34
CA THR B 23 -10.01 25.70 7.43
C THR B 23 -8.82 24.78 7.20
N GLU B 24 -7.95 24.69 8.22
CA GLU B 24 -6.80 23.80 8.17
C GLU B 24 -7.22 22.36 7.87
N ASN B 25 -6.48 21.70 6.99
CA ASN B 25 -6.85 20.36 6.52
C ASN B 25 -5.56 19.62 6.19
N ILE B 26 -5.68 18.46 5.54
CA ILE B 26 -4.53 17.70 5.06
C ILE B 26 -4.77 17.34 3.59
N LEU B 27 -3.73 17.55 2.77
CA LEU B 27 -3.78 17.28 1.33
C LEU B 27 -3.04 15.99 1.05
N ASN B 28 -3.73 15.03 0.46
CA ASN B 28 -3.19 13.71 0.16
C ASN B 28 -2.95 13.56 -1.34
N CYS B 29 -1.82 12.96 -1.67
CA CYS B 29 -1.54 12.52 -3.02
C CYS B 29 -1.16 11.05 -2.94
N TYR B 30 -1.93 10.21 -3.64
CA TYR B 30 -1.72 8.76 -3.61
C TYR B 30 -1.27 8.33 -5.00
N VAL B 31 -0.02 7.87 -5.09
CA VAL B 31 0.63 7.55 -6.36
C VAL B 31 0.78 6.03 -6.40
N GLU B 32 0.18 5.39 -7.39
CA GLU B 32 0.21 3.94 -7.42
C GLU B 32 0.43 3.44 -8.83
N GLY B 33 0.79 2.16 -8.92
CA GLY B 33 0.90 1.47 -10.18
C GLY B 33 2.25 1.58 -10.86
N PHE B 34 3.24 2.18 -10.23
CA PHE B 34 4.48 2.36 -10.96
C PHE B 34 5.44 1.22 -10.72
N HIS B 35 6.39 1.11 -11.61
CA HIS B 35 7.51 0.13 -11.64
C HIS B 35 8.46 0.56 -12.74
N PRO B 36 9.74 0.91 -12.47
CA PRO B 36 10.41 0.60 -11.23
C PRO B 36 10.14 1.56 -10.06
N PRO B 37 10.76 1.37 -8.87
CA PRO B 37 10.45 2.18 -7.71
C PRO B 37 10.91 3.63 -7.76
N LYS B 38 11.94 3.93 -8.53
CA LYS B 38 12.45 5.29 -8.66
C LYS B 38 11.32 6.21 -9.09
N ILE B 39 11.10 7.28 -8.31
CA ILE B 39 10.01 8.23 -8.57
C ILE B 39 10.31 9.53 -7.86
N ASP B 40 9.78 10.62 -8.40
CA ASP B 40 9.71 11.92 -7.74
C ASP B 40 8.26 12.38 -7.69
N ILE B 41 7.83 12.80 -6.52
CA ILE B 41 6.45 13.18 -6.23
C ILE B 41 6.51 14.51 -5.46
N ALA B 42 5.91 15.57 -6.01
CA ALA B 42 6.01 16.88 -5.38
C ALA B 42 4.62 17.47 -5.16
N LEU B 43 4.42 18.09 -4.01
CA LEU B 43 3.18 18.79 -3.72
C LEU B 43 3.37 20.28 -3.93
N LEU B 44 2.47 20.88 -4.72
CA LEU B 44 2.62 22.26 -5.18
C LEU B 44 1.41 23.08 -4.78
N LYS B 45 1.66 24.30 -4.26
CA LYS B 45 0.64 25.31 -3.99
C LYS B 45 0.77 26.42 -5.04
N ASN B 46 -0.21 26.51 -5.94
CA ASN B 46 -0.13 27.44 -7.08
C ASN B 46 1.20 27.33 -7.84
N GLY B 47 1.85 26.18 -7.77
CA GLY B 47 3.12 25.96 -8.42
C GLY B 47 4.32 26.21 -7.53
N GLU B 48 4.12 26.53 -6.24
CA GLU B 48 5.17 26.66 -5.23
C GLU B 48 5.32 25.36 -4.46
N PRO B 49 6.53 24.96 -4.08
CA PRO B 49 6.70 23.81 -3.17
C PRO B 49 5.98 24.06 -1.86
N MET B 50 5.16 23.09 -1.44
CA MET B 50 4.50 23.18 -0.15
C MET B 50 5.45 22.84 0.98
N LYS B 51 5.20 23.45 2.14
CA LYS B 51 5.96 23.16 3.34
C LYS B 51 5.30 22.02 4.14
N ASP B 52 6.15 21.24 4.82
CA ASP B 52 5.75 20.11 5.68
C ASP B 52 5.22 18.91 4.87
N VAL B 53 5.86 18.60 3.77
CA VAL B 53 5.46 17.45 2.96
C VAL B 53 6.11 16.21 3.54
N LYS B 54 5.31 15.21 3.88
CA LYS B 54 5.77 13.94 4.45
C LYS B 54 5.50 12.79 3.49
N TYR B 55 6.32 11.75 3.61
CA TYR B 55 6.28 10.61 2.71
C TYR B 55 6.08 9.34 3.51
N ASN B 56 4.95 8.68 3.25
CA ASN B 56 4.69 7.35 3.78
C ASN B 56 5.73 6.37 3.26
N ASP B 57 6.00 5.32 4.03
CA ASP B 57 6.84 4.25 3.49
C ASP B 57 6.14 3.66 2.28
N MET B 58 6.90 3.51 1.20
CA MET B 58 6.36 2.96 -0.03
C MET B 58 5.94 1.51 0.18
N SER B 59 4.88 1.10 -0.51
CA SER B 59 4.39 -0.27 -0.45
C SER B 59 4.36 -0.85 -1.86
N PHE B 60 4.20 -2.18 -1.95
CA PHE B 60 3.81 -2.77 -3.23
C PHE B 60 2.82 -3.89 -3.00
N GLY B 61 2.13 -4.28 -4.07
CA GLY B 61 1.12 -5.31 -3.99
C GLY B 61 1.32 -6.53 -4.87
N ASP B 62 0.21 -7.22 -5.17
CA ASP B 62 0.26 -8.56 -5.74
C ASP B 62 0.96 -8.61 -7.09
N ASP B 63 0.87 -7.53 -7.88
CA ASP B 63 1.53 -7.45 -9.17
C ASP B 63 2.90 -6.76 -9.13
N TRP B 64 3.44 -6.49 -7.93
CA TRP B 64 4.74 -5.88 -7.63
C TRP B 64 4.80 -4.38 -7.93
N THR B 65 3.81 -3.79 -8.60
CA THR B 65 3.79 -2.34 -8.75
C THR B 65 3.71 -1.64 -7.39
N PHE B 66 4.33 -0.46 -7.29
CA PHE B 66 4.50 0.24 -6.03
C PHE B 66 3.41 1.29 -5.82
N GLN B 67 3.24 1.67 -4.55
CA GLN B 67 2.27 2.67 -4.13
C GLN B 67 2.95 3.61 -3.16
N ARG B 68 2.54 4.88 -3.15
CA ARG B 68 3.13 5.86 -2.26
C ARG B 68 2.08 6.89 -1.85
N LEU B 69 2.06 7.24 -0.58
CA LEU B 69 1.24 8.36 -0.11
C LEU B 69 2.15 9.50 0.29
N VAL B 70 1.77 10.70 -0.11
CA VAL B 70 2.53 11.92 0.10
C VAL B 70 1.52 12.97 0.57
N TYR B 71 1.74 13.55 1.74
CA TYR B 71 0.71 14.41 2.31
C TYR B 71 1.35 15.64 2.95
N ALA B 72 0.54 16.69 3.06
CA ALA B 72 1.06 17.92 3.64
C ALA B 72 -0.09 18.75 4.16
N PRO B 73 0.05 19.46 5.28
CA PRO B 73 -1.04 20.32 5.76
C PRO B 73 -1.28 21.48 4.81
N PHE B 74 -2.54 21.90 4.74
CA PHE B 74 -2.86 23.01 3.85
C PHE B 74 -4.20 23.63 4.24
N THR B 75 -4.28 24.95 4.07
CA THR B 75 -5.50 25.71 4.32
C THR B 75 -6.01 26.26 3.00
N PRO B 76 -6.95 25.59 2.34
CA PRO B 76 -7.28 25.96 0.96
C PRO B 76 -8.13 27.21 0.90
N THR B 77 -8.10 27.86 -0.26
CA THR B 77 -9.07 28.91 -0.56
C THR B 77 -9.71 28.67 -1.92
N LYS B 78 -10.40 29.67 -2.45
CA LYS B 78 -11.08 29.51 -3.72
C LYS B 78 -10.19 29.87 -4.91
N SER B 79 -9.15 30.67 -4.69
CA SER B 79 -8.19 31.02 -5.72
C SER B 79 -7.03 30.02 -5.83
N ASP B 80 -6.70 29.34 -4.73
CA ASP B 80 -5.52 28.48 -4.68
C ASP B 80 -5.71 27.23 -5.53
N VAL B 81 -4.65 26.84 -6.25
CA VAL B 81 -4.63 25.63 -7.07
C VAL B 81 -3.58 24.68 -6.51
N TYR B 82 -4.03 23.51 -6.05
CA TYR B 82 -3.18 22.51 -5.41
C TYR B 82 -2.92 21.37 -6.38
N THR B 83 -1.65 21.02 -6.60
CA THR B 83 -1.31 19.99 -7.56
C THR B 83 -0.27 19.03 -7.00
N CYS B 84 -0.32 17.81 -7.54
CA CYS B 84 0.67 16.76 -7.28
C CYS B 84 1.37 16.50 -8.60
N ARG B 85 2.70 16.72 -8.63
CA ARG B 85 3.52 16.57 -9.83
C ARG B 85 4.41 15.34 -9.68
N VAL B 86 4.22 14.38 -10.58
CA VAL B 86 4.83 13.05 -10.49
C VAL B 86 5.72 12.87 -11.72
N ASP B 87 6.97 12.49 -11.49
CA ASP B 87 7.92 12.22 -12.56
C ASP B 87 8.42 10.79 -12.40
N HIS B 88 8.36 10.02 -13.48
CA HIS B 88 8.64 8.59 -13.42
C HIS B 88 9.00 8.15 -14.84
N GLU B 89 9.94 7.19 -14.94
CA GLU B 89 10.55 6.95 -16.24
C GLU B 89 9.54 6.44 -17.26
N ALA B 90 8.47 5.78 -16.81
CA ALA B 90 7.40 5.37 -17.72
C ALA B 90 6.60 6.55 -18.24
N PHE B 91 6.82 7.74 -17.69
CA PHE B 91 6.28 8.96 -18.27
C PHE B 91 7.28 9.52 -19.28
N THR B 92 6.74 10.02 -20.38
CA THR B 92 7.56 10.81 -21.29
C THR B 92 8.03 12.08 -20.61
N GLU B 93 7.29 12.54 -19.63
CA GLU B 93 7.53 13.86 -19.07
C GLU B 93 6.71 13.98 -17.78
N PRO B 94 7.11 14.82 -16.82
CA PRO B 94 6.31 14.96 -15.58
C PRO B 94 4.86 15.26 -15.86
N GLN B 95 4.00 14.86 -14.93
CA GLN B 95 2.56 15.06 -15.07
C GLN B 95 1.98 15.61 -13.78
N SER B 96 1.09 16.59 -13.90
CA SER B 96 0.37 17.13 -12.77
C SER B 96 -1.00 16.49 -12.66
N PHE B 97 -1.48 16.45 -11.42
CA PHE B 97 -2.82 16.00 -11.09
C PHE B 97 -3.32 16.99 -10.06
N ARG B 98 -4.48 17.59 -10.34
CA ARG B 98 -5.00 18.70 -9.57
C ARG B 98 -6.01 18.24 -8.52
N TRP B 99 -5.97 18.86 -7.34
CA TRP B 99 -7.02 18.68 -6.36
C TRP B 99 -8.29 19.42 -6.78
N GLU B 100 -9.41 18.69 -6.81
CA GLU B 100 -10.68 19.26 -7.23
C GLU B 100 -11.52 19.56 -5.98
N PRO B 101 -11.79 20.83 -5.66
CA PRO B 101 -12.35 21.17 -4.35
C PRO B 101 -13.73 20.59 -4.04
N ASP B 102 -13.98 20.48 -2.73
CA ASP B 102 -15.28 20.09 -2.18
C ASP B 102 -16.21 21.30 -2.08
N PHE B 103 -15.83 22.26 -1.24
CA PHE B 103 -16.55 23.50 -0.90
C PHE B 103 -18.06 23.47 -1.16
N ALA C 1 7.99 -11.09 13.91
CA ALA C 1 9.45 -11.10 13.67
C ALA C 1 9.73 -11.71 12.32
N GLU C 2 10.79 -11.26 11.68
CA GLU C 2 11.10 -11.76 10.35
C GLU C 2 11.73 -13.15 10.41
N ALA C 3 11.59 -13.88 9.31
CA ALA C 3 12.19 -15.20 9.20
C ALA C 3 13.69 -15.08 8.99
N ILE C 4 14.47 -15.78 9.83
CA ILE C 4 15.93 -15.64 9.83
C ILE C 4 16.54 -16.23 8.56
N ILE C 5 16.24 -17.48 8.26
CA ILE C 5 16.82 -18.17 7.10
C ILE C 5 16.32 -17.48 5.83
N VAL C 6 17.20 -16.73 5.15
CA VAL C 6 16.93 -16.35 3.76
C VAL C 6 17.77 -17.22 2.85
N ALA C 7 17.21 -17.56 1.68
CA ALA C 7 17.83 -18.44 0.72
C ALA C 7 18.56 -17.63 -0.35
N MET C 8 19.44 -18.29 -1.07
CA MET C 8 20.11 -17.66 -2.21
C MET C 8 19.58 -18.21 -3.52
N VAL C 9 19.67 -17.37 -4.53
CA VAL C 9 19.09 -17.72 -5.80
C VAL C 9 20.17 -18.23 -6.73
#